data_2AGK
#
_entry.id   2AGK
#
_cell.length_a   101.863
_cell.length_b   71.427
_cell.length_c   40.570
_cell.angle_alpha   90.00
_cell.angle_beta   104.71
_cell.angle_gamma   90.00
#
_symmetry.space_group_name_H-M   'C 1 2 1'
#
loop_
_entity.id
_entity.type
_entity.pdbx_description
1 polymer '1-(5-phosphoribosyl)-5-[(5-phosphoribosylamino)methylideneamino] imidazole-4-carboxamide isomerase'
2 non-polymer 'CHLORIDE ION'
3 non-polymer 'CITRIC ACID'
4 non-polymer 1,2-ETHANEDIOL
5 water water
#
_entity_poly.entity_id   1
_entity_poly.type   'polypeptide(L)'
_entity_poly.pdbx_seq_one_letter_code
;TKFIGCIDLHNGEVKQIVGGTLTSKKEDVPKTNFVSQHPSSYYAKLYKDRDVQGCHVIKLGPNNDDAAREALQESPQFLQ
VGGGINDTNCLEWLKWASKVIVTSWLFTKEGHFQLKRLERLTELCGKDRIVVDLSCRKTQDGRWIVAMNKWQTLTDLELN
ADTFRELRKYTNEFLIHAADVEGLCGGIDELLVSKLFEWTKDYDDLKIVYAGGAKSVDDLKLVDELSHGKVDLTFGSSLD
IFGGNLVKFEDCCRWNEKQG
;
_entity_poly.pdbx_strand_id   A
#
# COMPACT_ATOMS: atom_id res chain seq x y z
N THR A 1 -1.85 14.77 2.34
CA THR A 1 -1.46 13.60 3.17
C THR A 1 -2.65 13.15 3.97
N LYS A 2 -3.04 11.89 3.76
CA LYS A 2 -4.09 11.27 4.55
C LYS A 2 -3.63 9.97 5.19
N PHE A 3 -4.28 9.62 6.29
CA PHE A 3 -4.18 8.31 6.90
C PHE A 3 -4.86 7.31 5.99
N ILE A 4 -4.12 6.21 5.73
CA ILE A 4 -4.58 5.06 4.95
C ILE A 4 -4.68 3.87 5.90
N GLY A 5 -5.84 3.20 5.92
CA GLY A 5 -5.99 2.00 6.72
C GLY A 5 -5.59 0.73 6.00
N CYS A 6 -5.45 -0.34 6.78
CA CYS A 6 -5.08 -1.64 6.20
C CYS A 6 -5.73 -2.78 6.96
N ILE A 7 -5.77 -3.94 6.31
CA ILE A 7 -6.15 -5.17 6.97
C ILE A 7 -5.20 -6.22 6.42
N ASP A 8 -4.35 -6.77 7.28
CA ASP A 8 -3.44 -7.83 6.90
C ASP A 8 -4.03 -9.18 7.32
N LEU A 9 -3.99 -10.13 6.40
CA LEU A 9 -4.58 -11.45 6.61
C LEU A 9 -3.53 -12.54 6.55
N HIS A 10 -3.57 -13.43 7.53
CA HIS A 10 -2.69 -14.59 7.54
C HIS A 10 -3.48 -15.78 8.04
N ASN A 11 -3.35 -16.90 7.33
CA ASN A 11 -4.11 -18.12 7.65
C ASN A 11 -5.61 -17.87 7.81
N GLY A 12 -6.15 -16.98 6.98
CA GLY A 12 -7.58 -16.68 6.97
C GLY A 12 -8.10 -15.79 8.09
N GLU A 13 -7.18 -15.14 8.81
CA GLU A 13 -7.48 -14.35 10.01
C GLU A 13 -6.80 -13.00 9.91
N VAL A 14 -7.37 -11.98 10.54
CA VAL A 14 -6.73 -10.67 10.67
C VAL A 14 -5.49 -10.75 11.58
N LYS A 15 -4.39 -10.14 11.15
CA LYS A 15 -3.20 -9.93 11.98
C LYS A 15 -3.45 -8.79 12.97
N GLN A 16 -3.48 -9.12 14.25
CA GLN A 16 -3.89 -8.19 15.30
C GLN A 16 -2.84 -8.14 16.41
N GLN A 37 -10.10 -9.24 19.27
CA GLN A 37 -10.18 -9.95 18.00
C GLN A 37 -11.46 -9.60 17.23
N HIS A 38 -11.31 -9.40 15.92
CA HIS A 38 -12.44 -9.07 15.06
C HIS A 38 -12.25 -9.71 13.69
N PRO A 39 -13.37 -10.09 13.03
CA PRO A 39 -13.24 -10.59 11.66
C PRO A 39 -12.93 -9.47 10.68
N SER A 40 -12.46 -9.82 9.49
CA SER A 40 -12.06 -8.81 8.51
C SER A 40 -13.18 -7.85 8.17
N SER A 41 -14.43 -8.35 8.13
CA SER A 41 -15.59 -7.50 7.82
C SER A 41 -15.81 -6.37 8.84
N TYR A 42 -15.40 -6.59 10.08
CA TYR A 42 -15.51 -5.55 11.10
C TYR A 42 -14.70 -4.32 10.69
N TYR A 43 -13.46 -4.56 10.28
CA TYR A 43 -12.56 -3.48 9.87
C TYR A 43 -13.02 -2.84 8.57
N ALA A 44 -13.49 -3.65 7.62
CA ALA A 44 -14.03 -3.13 6.38
C ALA A 44 -15.22 -2.19 6.63
N LYS A 45 -16.09 -2.58 7.55
CA LYS A 45 -17.24 -1.75 7.92
C LYS A 45 -16.77 -0.48 8.61
N LEU A 46 -15.82 -0.60 9.52
CA LEU A 46 -15.29 0.56 10.25
C LEU A 46 -14.69 1.60 9.30
N TYR A 47 -13.86 1.14 8.37
CA TYR A 47 -13.22 2.04 7.42
C TYR A 47 -14.25 2.71 6.52
N LYS A 48 -15.27 1.96 6.12
CA LYS A 48 -16.35 2.52 5.31
C LYS A 48 -17.15 3.56 6.10
N ASP A 49 -17.51 3.22 7.33
CA ASP A 49 -18.30 4.12 8.18
C ASP A 49 -17.56 5.42 8.44
N ARG A 50 -16.24 5.34 8.64
CA ARG A 50 -15.43 6.54 8.90
C ARG A 50 -14.92 7.17 7.61
N ASP A 51 -15.30 6.62 6.46
CA ASP A 51 -14.90 7.13 5.14
C ASP A 51 -13.38 7.26 4.98
N VAL A 52 -12.67 6.20 5.36
CA VAL A 52 -11.23 6.14 5.14
C VAL A 52 -10.99 5.55 3.74
N GLN A 53 -10.76 6.43 2.78
CA GLN A 53 -10.58 6.03 1.39
C GLN A 53 -9.23 5.35 1.14
N GLY A 54 -9.21 4.46 0.15
CA GLY A 54 -7.95 3.92 -0.34
C GLY A 54 -7.23 2.91 0.55
N CYS A 55 -7.98 2.25 1.43
CA CYS A 55 -7.38 1.24 2.33
C CYS A 55 -6.99 -0.01 1.58
N HIS A 56 -6.03 -0.75 2.13
CA HIS A 56 -5.53 -1.97 1.49
C HIS A 56 -5.69 -3.20 2.35
N VAL A 57 -6.26 -4.24 1.74
CA VAL A 57 -6.35 -5.57 2.33
C VAL A 57 -5.21 -6.38 1.73
N ILE A 58 -4.35 -6.94 2.58
CA ILE A 58 -3.17 -7.67 2.12
C ILE A 58 -3.22 -9.11 2.59
N LYS A 59 -3.18 -10.03 1.64
CA LYS A 59 -3.14 -11.46 1.93
C LYS A 59 -1.69 -11.89 2.07
N LEU A 60 -1.34 -12.31 3.28
CA LEU A 60 0.01 -12.82 3.55
C LEU A 60 -0.02 -14.33 3.51
N GLY A 61 0.49 -14.89 2.42
CA GLY A 61 0.49 -16.33 2.22
C GLY A 61 -0.87 -16.85 1.75
N PRO A 62 -1.03 -18.18 1.73
CA PRO A 62 -2.24 -18.80 1.20
C PRO A 62 -3.41 -18.84 2.19
N ASN A 63 -4.55 -19.29 1.68
CA ASN A 63 -5.75 -19.57 2.49
C ASN A 63 -6.41 -18.31 3.06
N ASN A 64 -6.23 -17.19 2.37
CA ASN A 64 -6.78 -15.92 2.80
C ASN A 64 -7.90 -15.39 1.91
N ASP A 65 -8.24 -16.10 0.85
CA ASP A 65 -9.16 -15.55 -0.15
C ASP A 65 -10.56 -15.30 0.39
N ASP A 66 -11.10 -16.22 1.19
CA ASP A 66 -12.41 -16.01 1.77
C ASP A 66 -12.42 -14.81 2.72
N ALA A 67 -11.38 -14.69 3.56
CA ALA A 67 -11.32 -13.56 4.51
C ALA A 67 -11.16 -12.24 3.75
N ALA A 68 -10.43 -12.27 2.64
CA ALA A 68 -10.29 -11.07 1.79
C ALA A 68 -11.63 -10.71 1.15
N ARG A 69 -12.30 -11.69 0.55
CA ARG A 69 -13.61 -11.43 -0.02
C ARG A 69 -14.63 -10.98 1.02
N GLU A 70 -14.56 -11.53 2.23
CA GLU A 70 -15.41 -11.06 3.33
C GLU A 70 -15.26 -9.55 3.53
N ALA A 71 -14.02 -9.06 3.58
CA ALA A 71 -13.78 -7.63 3.74
C ALA A 71 -14.25 -6.83 2.53
N LEU A 72 -13.88 -7.27 1.34
CA LEU A 72 -14.20 -6.51 0.14
C LEU A 72 -15.70 -6.43 -0.08
N GLN A 73 -16.41 -7.52 0.19
CA GLN A 73 -17.85 -7.60 -0.04
C GLN A 73 -18.65 -6.87 1.04
N GLU A 74 -18.07 -6.68 2.21
CA GLU A 74 -18.71 -5.88 3.25
C GLU A 74 -18.81 -4.43 2.78
N SER A 75 -17.79 -3.96 2.06
CA SER A 75 -17.72 -2.59 1.58
C SER A 75 -17.31 -2.61 0.10
N PRO A 76 -18.25 -2.98 -0.79
CA PRO A 76 -17.89 -3.27 -2.18
C PRO A 76 -17.25 -2.09 -2.93
N GLN A 77 -16.21 -2.40 -3.69
CA GLN A 77 -15.48 -1.42 -4.50
C GLN A 77 -14.96 -0.23 -3.71
N PHE A 78 -14.64 -0.46 -2.43
CA PHE A 78 -14.13 0.59 -1.55
C PHE A 78 -12.73 0.29 -1.02
N LEU A 79 -12.38 -0.99 -0.95
CA LEU A 79 -11.07 -1.41 -0.46
C LEU A 79 -10.23 -2.02 -1.58
N GLN A 80 -8.92 -1.84 -1.49
CA GLN A 80 -7.99 -2.48 -2.41
C GLN A 80 -7.59 -3.87 -1.90
N VAL A 81 -7.10 -4.74 -2.78
CA VAL A 81 -6.61 -6.04 -2.36
C VAL A 81 -5.27 -6.37 -2.98
N GLY A 82 -4.38 -6.92 -2.16
CA GLY A 82 -3.09 -7.39 -2.65
C GLY A 82 -2.71 -8.73 -2.04
N GLY A 83 -1.66 -9.32 -2.59
CA GLY A 83 -1.19 -10.65 -2.18
C GLY A 83 -1.62 -11.64 -3.23
N GLY A 84 -0.65 -12.16 -3.97
CA GLY A 84 -0.93 -13.15 -5.00
C GLY A 84 -1.72 -12.64 -6.20
N ILE A 85 -1.57 -11.35 -6.51
CA ILE A 85 -2.24 -10.77 -7.67
C ILE A 85 -1.41 -10.96 -8.94
N ASN A 86 -2.06 -11.48 -9.98
CA ASN A 86 -1.42 -11.64 -11.28
C ASN A 86 -2.44 -11.47 -12.41
N ASP A 87 -2.01 -11.69 -13.65
CA ASP A 87 -2.87 -11.52 -14.81
C ASP A 87 -4.04 -12.50 -14.88
N THR A 88 -3.94 -13.61 -14.17
CA THR A 88 -4.99 -14.64 -14.21
C THR A 88 -6.15 -14.37 -13.24
N ASN A 89 -5.90 -13.58 -12.20
CA ASN A 89 -6.94 -13.34 -11.19
C ASN A 89 -7.31 -11.88 -10.99
N CYS A 90 -6.61 -10.96 -11.67
CA CYS A 90 -6.84 -9.54 -11.41
C CYS A 90 -8.28 -9.10 -11.70
N LEU A 91 -8.85 -9.57 -12.81
CA LEU A 91 -10.21 -9.16 -13.16
C LEU A 91 -11.26 -9.67 -12.17
N GLU A 92 -11.08 -10.89 -11.68
CA GLU A 92 -12.02 -11.43 -10.70
C GLU A 92 -11.95 -10.63 -9.40
N TRP A 93 -10.75 -10.30 -8.93
CA TRP A 93 -10.63 -9.49 -7.71
C TRP A 93 -11.27 -8.11 -7.86
N LEU A 94 -11.18 -7.55 -9.08
CA LEU A 94 -11.78 -6.25 -9.35
C LEU A 94 -13.32 -6.23 -9.34
N LYS A 95 -13.93 -7.40 -9.22
CA LYS A 95 -15.38 -7.45 -8.98
C LYS A 95 -15.73 -6.77 -7.66
N TRP A 96 -14.87 -6.93 -6.65
CA TRP A 96 -15.18 -6.43 -5.32
C TRP A 96 -14.19 -5.39 -4.78
N ALA A 97 -12.97 -5.36 -5.32
CA ALA A 97 -11.93 -4.41 -4.88
C ALA A 97 -11.94 -3.17 -5.74
N SER A 98 -11.66 -2.02 -5.13
CA SER A 98 -11.50 -0.78 -5.90
C SER A 98 -10.29 -0.86 -6.83
N LYS A 99 -9.18 -1.42 -6.33
CA LYS A 99 -7.96 -1.62 -7.09
C LYS A 99 -7.32 -2.91 -6.64
N VAL A 100 -6.52 -3.51 -7.51
CA VAL A 100 -5.67 -4.63 -7.14
C VAL A 100 -4.23 -4.14 -7.02
N ILE A 101 -3.51 -4.75 -6.07
CA ILE A 101 -2.16 -4.36 -5.72
C ILE A 101 -1.23 -5.49 -6.13
N VAL A 102 -0.40 -5.23 -7.13
CA VAL A 102 0.60 -6.20 -7.57
C VAL A 102 1.85 -6.12 -6.70
N THR A 103 2.40 -7.28 -6.36
CA THR A 103 3.58 -7.39 -5.53
C THR A 103 4.65 -8.19 -6.28
N SER A 104 4.87 -9.44 -5.88
CA SER A 104 5.96 -10.24 -6.41
C SER A 104 5.81 -10.69 -7.86
N TRP A 105 4.60 -10.67 -8.42
CA TRP A 105 4.41 -11.12 -9.81
C TRP A 105 5.18 -10.26 -10.83
N LEU A 106 5.54 -9.02 -10.47
CA LEU A 106 6.35 -8.20 -11.37
C LEU A 106 7.81 -8.65 -11.49
N PHE A 107 8.19 -9.69 -10.74
CA PHE A 107 9.58 -10.13 -10.71
C PHE A 107 9.66 -11.62 -10.95
N THR A 108 10.71 -12.04 -11.66
CA THR A 108 11.02 -13.46 -11.76
C THR A 108 11.50 -13.90 -10.39
N LYS A 109 11.48 -15.21 -10.12
CA LYS A 109 11.92 -15.74 -8.83
C LYS A 109 13.37 -15.32 -8.50
N GLU A 110 14.15 -15.01 -9.52
CA GLU A 110 15.53 -14.56 -9.37
C GLU A 110 15.64 -13.08 -9.05
N GLY A 111 14.53 -12.36 -9.15
CA GLY A 111 14.47 -10.94 -8.78
C GLY A 111 14.61 -9.97 -9.93
N HIS A 112 14.37 -10.43 -11.16
CA HIS A 112 14.45 -9.56 -12.31
C HIS A 112 13.10 -8.94 -12.62
N PHE A 113 13.06 -7.62 -12.62
CA PHE A 113 11.83 -6.87 -12.89
C PHE A 113 11.35 -7.15 -14.32
N GLN A 114 10.05 -7.40 -14.47
CA GLN A 114 9.44 -7.71 -15.76
C GLN A 114 8.43 -6.62 -16.16
N LEU A 115 8.91 -5.60 -16.85
CA LEU A 115 8.05 -4.49 -17.27
C LEU A 115 6.84 -4.98 -18.08
N LYS A 116 7.05 -6.00 -18.89
CA LYS A 116 5.97 -6.53 -19.73
C LYS A 116 4.81 -7.07 -18.90
N ARG A 117 5.11 -7.57 -17.70
CA ARG A 117 4.06 -8.05 -16.80
C ARG A 117 3.22 -6.90 -16.25
N LEU A 118 3.87 -5.79 -15.88
CA LEU A 118 3.13 -4.60 -15.49
C LEU A 118 2.25 -4.10 -16.64
N GLU A 119 2.82 -4.05 -17.85
CA GLU A 119 2.08 -3.61 -19.02
C GLU A 119 0.83 -4.47 -19.24
N ARG A 120 0.96 -5.77 -19.06
CA ARG A 120 -0.18 -6.68 -19.17
C ARG A 120 -1.28 -6.38 -18.14
N LEU A 121 -0.88 -6.11 -16.90
CA LEU A 121 -1.84 -5.73 -15.87
C LEU A 121 -2.59 -4.45 -16.21
N THR A 122 -1.87 -3.45 -16.70
CA THR A 122 -2.49 -2.20 -17.10
C THR A 122 -3.47 -2.41 -18.25
N GLU A 123 -3.06 -3.22 -19.21
CA GLU A 123 -3.89 -3.57 -20.37
C GLU A 123 -5.20 -4.22 -19.96
N LEU A 124 -5.14 -5.08 -18.93
CA LEU A 124 -6.33 -5.75 -18.42
C LEU A 124 -7.21 -4.90 -17.52
N CYS A 125 -6.58 -4.14 -16.62
CA CYS A 125 -7.27 -3.48 -15.51
C CYS A 125 -7.55 -1.99 -15.71
N GLY A 126 -6.68 -1.33 -16.47
CA GLY A 126 -6.69 0.12 -16.56
C GLY A 126 -5.75 0.69 -15.51
N LYS A 127 -5.10 1.80 -15.80
CA LYS A 127 -4.12 2.34 -14.85
C LYS A 127 -4.77 2.83 -13.55
N ASP A 128 -6.07 3.12 -13.60
CA ASP A 128 -6.81 3.56 -12.41
C ASP A 128 -7.27 2.43 -11.49
N ARG A 129 -7.00 1.19 -11.87
CA ARG A 129 -7.41 0.07 -11.03
C ARG A 129 -6.27 -0.84 -10.61
N ILE A 130 -5.04 -0.41 -10.86
CA ILE A 130 -3.88 -1.14 -10.36
C ILE A 130 -3.03 -0.27 -9.42
N VAL A 131 -2.40 -0.94 -8.47
CA VAL A 131 -1.43 -0.32 -7.58
C VAL A 131 -0.15 -1.13 -7.69
N VAL A 132 0.98 -0.44 -7.81
CA VAL A 132 2.27 -1.11 -7.79
C VAL A 132 2.86 -1.00 -6.39
N ASP A 133 3.02 -2.15 -5.72
CA ASP A 133 3.54 -2.21 -4.36
C ASP A 133 5.01 -2.60 -4.43
N LEU A 134 5.86 -1.67 -4.00
CA LEU A 134 7.30 -1.90 -3.99
C LEU A 134 7.78 -1.88 -2.55
N SER A 135 8.27 -3.04 -2.10
CA SER A 135 8.90 -3.15 -0.79
C SER A 135 10.37 -2.85 -0.98
N CYS A 136 10.91 -1.92 -0.21
CA CYS A 136 12.26 -1.47 -0.46
C CYS A 136 13.09 -1.54 0.80
N ARG A 137 14.39 -1.73 0.60
CA ARG A 137 15.35 -1.77 1.69
C ARG A 137 16.39 -0.70 1.41
N LYS A 138 16.73 0.06 2.46
CA LYS A 138 17.79 1.03 2.33
C LYS A 138 19.12 0.30 2.45
N THR A 139 19.89 0.28 1.37
CA THR A 139 21.12 -0.49 1.34
C THR A 139 22.26 0.39 1.81
N GLN A 140 22.38 1.55 1.19
CA GLN A 140 23.38 2.54 1.55
C GLN A 140 22.71 3.90 1.65
N ASP A 141 23.41 4.87 2.25
CA ASP A 141 22.89 6.24 2.34
C ASP A 141 22.35 6.69 1.00
N GLY A 142 21.09 7.14 1.01
CA GLY A 142 20.44 7.66 -0.19
C GLY A 142 20.15 6.63 -1.27
N ARG A 143 20.16 5.35 -0.91
CA ARG A 143 19.90 4.28 -1.88
C ARG A 143 18.89 3.29 -1.33
N TRP A 144 17.85 3.04 -2.12
CA TRP A 144 16.80 2.10 -1.76
C TRP A 144 16.59 1.14 -2.91
N ILE A 145 16.65 -0.15 -2.60
CA ILE A 145 16.52 -1.21 -3.60
C ILE A 145 15.23 -1.99 -3.32
N VAL A 146 14.48 -2.31 -4.38
CA VAL A 146 13.28 -3.10 -4.23
C VAL A 146 13.67 -4.53 -3.85
N ALA A 147 12.95 -5.09 -2.87
CA ALA A 147 13.15 -6.45 -2.36
C ALA A 147 11.88 -7.30 -2.50
N MET A 148 12.05 -8.63 -2.51
CA MET A 148 10.93 -9.57 -2.62
C MET A 148 11.15 -10.81 -1.74
N ASN A 149 10.22 -11.76 -1.81
CA ASN A 149 10.29 -13.03 -1.07
C ASN A 149 10.59 -12.85 0.41
N LYS A 150 9.68 -12.19 1.10
CA LYS A 150 9.83 -11.86 2.53
C LYS A 150 11.15 -11.14 2.81
N TRP A 151 11.40 -10.09 2.01
CA TRP A 151 12.59 -9.23 2.12
C TRP A 151 13.91 -9.88 1.72
N GLN A 152 13.92 -11.22 1.67
CA GLN A 152 15.15 -12.01 1.55
C GLN A 152 15.80 -12.01 0.17
N THR A 153 15.19 -11.33 -0.80
CA THR A 153 15.74 -11.25 -2.15
C THR A 153 15.80 -9.80 -2.66
N LEU A 154 17.00 -9.28 -2.92
CA LEU A 154 17.13 -7.98 -3.58
C LEU A 154 16.95 -8.11 -5.08
N THR A 155 16.08 -7.27 -5.62
CA THR A 155 15.77 -7.30 -7.03
C THR A 155 16.72 -6.41 -7.82
N ASP A 156 16.55 -6.37 -9.13
CA ASP A 156 17.35 -5.49 -9.97
C ASP A 156 16.71 -4.11 -10.18
N LEU A 157 15.69 -3.80 -9.36
CA LEU A 157 14.99 -2.53 -9.48
C LEU A 157 15.33 -1.60 -8.30
N GLU A 158 15.87 -0.43 -8.61
CA GLU A 158 16.15 0.59 -7.59
C GLU A 158 15.02 1.60 -7.54
N LEU A 159 14.73 2.14 -6.35
CA LEU A 159 13.83 3.29 -6.23
C LEU A 159 14.58 4.58 -6.52
N ASN A 160 14.14 5.31 -7.53
CA ASN A 160 14.73 6.61 -7.89
C ASN A 160 13.80 7.34 -8.86
N ALA A 161 14.20 8.53 -9.31
CA ALA A 161 13.35 9.32 -10.19
C ALA A 161 13.01 8.61 -11.50
N ASP A 162 14.01 7.94 -12.08
CA ASP A 162 13.84 7.18 -13.32
C ASP A 162 12.77 6.09 -13.20
N THR A 163 12.83 5.33 -12.11
CA THR A 163 11.85 4.26 -11.88
C THR A 163 10.43 4.80 -11.77
N PHE A 164 10.25 5.89 -11.02
CA PHE A 164 8.93 6.50 -10.94
C PHE A 164 8.45 7.04 -12.29
N ARG A 165 9.34 7.66 -13.04
CA ARG A 165 8.97 8.24 -14.35
C ARG A 165 8.47 7.16 -15.30
N GLU A 166 9.15 6.02 -15.31
CA GLU A 166 8.77 4.92 -16.20
C GLU A 166 7.50 4.22 -15.71
N LEU A 167 7.47 3.84 -14.44
CA LEU A 167 6.34 3.04 -13.96
C LEU A 167 5.03 3.83 -13.86
N ARG A 168 5.11 5.15 -13.69
CA ARG A 168 3.88 5.94 -13.63
C ARG A 168 3.13 5.95 -14.98
N LYS A 169 3.78 5.48 -16.04
CA LYS A 169 3.08 5.36 -17.33
C LYS A 169 2.00 4.29 -17.25
N TYR A 170 2.11 3.41 -16.24
CA TYR A 170 1.30 2.20 -16.17
C TYR A 170 0.40 2.11 -14.95
N THR A 171 0.59 3.01 -13.99
CA THR A 171 -0.21 3.02 -12.77
C THR A 171 -0.44 4.45 -12.31
N ASN A 172 -1.58 4.67 -11.65
CA ASN A 172 -1.87 5.95 -10.98
C ASN A 172 -1.58 5.89 -9.47
N GLU A 173 -1.02 4.79 -8.99
CA GLU A 173 -0.81 4.64 -7.54
C GLU A 173 0.32 3.67 -7.20
N PHE A 174 1.17 4.11 -6.28
CA PHE A 174 2.22 3.28 -5.71
C PHE A 174 2.00 3.09 -4.23
N LEU A 175 2.28 1.89 -3.75
CA LEU A 175 2.33 1.60 -2.32
C LEU A 175 3.80 1.28 -2.03
N ILE A 176 4.47 2.15 -1.28
CA ILE A 176 5.89 1.98 -0.98
C ILE A 176 6.01 1.48 0.44
N HIS A 177 6.55 0.27 0.56
CA HIS A 177 6.55 -0.48 1.80
C HIS A 177 8.00 -0.57 2.28
N ALA A 178 8.29 0.06 3.41
CA ALA A 178 9.65 -0.01 3.99
C ALA A 178 9.67 -0.83 5.28
N GLY A 186 11.79 2.89 17.27
CA GLY A 186 12.15 3.44 15.98
C GLY A 186 11.03 4.24 15.35
N GLY A 187 11.36 5.01 14.32
CA GLY A 187 10.39 5.83 13.60
C GLY A 187 10.39 5.55 12.11
N ILE A 188 9.75 6.43 11.34
CA ILE A 188 9.66 6.27 9.88
C ILE A 188 10.99 6.63 9.20
N ASP A 189 11.15 6.19 7.96
CA ASP A 189 12.30 6.54 7.13
C ASP A 189 12.03 7.92 6.55
N GLU A 190 12.47 8.93 7.27
CA GLU A 190 12.19 10.31 6.92
C GLU A 190 12.80 10.70 5.59
N LEU A 191 14.04 10.23 5.36
CA LEU A 191 14.72 10.55 4.10
C LEU A 191 13.99 9.93 2.92
N LEU A 192 13.49 8.70 3.09
CA LEU A 192 12.73 8.07 2.01
C LEU A 192 11.48 8.88 1.67
N VAL A 193 10.73 9.30 2.68
CA VAL A 193 9.53 10.11 2.42
C VAL A 193 9.89 11.39 1.66
N SER A 194 10.97 12.06 2.06
CA SER A 194 11.43 13.24 1.34
C SER A 194 11.78 12.92 -0.13
N LYS A 195 12.46 11.80 -0.34
CA LYS A 195 12.81 11.38 -1.69
C LYS A 195 11.59 11.04 -2.53
N LEU A 196 10.59 10.39 -1.93
CA LEU A 196 9.36 10.10 -2.67
C LEU A 196 8.76 11.39 -3.20
N PHE A 197 8.78 12.43 -2.37
CA PHE A 197 8.31 13.74 -2.81
C PHE A 197 9.17 14.28 -3.96
N GLU A 198 10.48 14.27 -3.78
CA GLU A 198 11.41 14.82 -4.76
C GLU A 198 11.27 14.14 -6.11
N TRP A 199 11.18 12.81 -6.08
CA TRP A 199 11.11 12.01 -7.31
C TRP A 199 9.78 12.10 -8.05
N THR A 200 8.75 12.57 -7.37
CA THR A 200 7.41 12.65 -7.95
C THR A 200 6.82 14.06 -7.91
N LYS A 201 7.67 15.07 -7.65
CA LYS A 201 7.21 16.45 -7.48
C LYS A 201 6.38 16.98 -8.65
N ASP A 202 6.73 16.55 -9.85
CA ASP A 202 6.07 17.02 -11.07
C ASP A 202 4.77 16.29 -11.39
N TYR A 203 4.43 15.26 -10.62
CA TYR A 203 3.18 14.52 -10.84
C TYR A 203 2.08 15.02 -9.91
N ASP A 204 0.96 15.45 -10.49
CA ASP A 204 -0.18 15.97 -9.76
C ASP A 204 -1.30 14.95 -9.61
N ASP A 205 -1.22 13.86 -10.38
CA ASP A 205 -2.31 12.88 -10.46
C ASP A 205 -1.91 11.52 -9.91
N LEU A 206 -0.74 11.44 -9.30
CA LEU A 206 -0.19 10.19 -8.84
C LEU A 206 -0.37 10.06 -7.34
N LYS A 207 -0.94 8.95 -6.89
CA LYS A 207 -1.09 8.68 -5.45
C LYS A 207 0.09 7.86 -4.96
N ILE A 208 0.66 8.27 -3.83
CA ILE A 208 1.78 7.55 -3.23
C ILE A 208 1.42 7.26 -1.78
N VAL A 209 1.30 5.97 -1.46
CA VAL A 209 1.01 5.52 -0.09
C VAL A 209 2.26 4.93 0.54
N TYR A 210 2.67 5.48 1.68
CA TYR A 210 3.82 4.98 2.40
C TYR A 210 3.36 4.04 3.52
N ALA A 211 3.98 2.87 3.62
CA ALA A 211 3.73 1.95 4.72
C ALA A 211 5.07 1.57 5.28
N GLY A 212 5.41 2.10 6.44
CA GLY A 212 6.74 1.90 6.96
C GLY A 212 6.72 1.96 8.45
N GLY A 213 5.75 1.28 9.04
CA GLY A 213 5.72 1.04 10.49
C GLY A 213 5.48 2.23 11.38
N ALA A 214 4.79 3.26 10.88
CA ALA A 214 4.46 4.45 11.68
C ALA A 214 3.79 4.09 13.01
N LYS A 215 4.27 4.66 14.10
CA LYS A 215 3.67 4.38 15.42
C LYS A 215 3.42 5.62 16.28
N SER A 216 3.32 6.76 15.62
CA SER A 216 2.88 7.99 16.29
C SER A 216 1.94 8.77 15.40
N VAL A 217 0.86 9.29 15.98
CA VAL A 217 -0.05 10.19 15.26
C VAL A 217 0.72 11.40 14.70
N ASP A 218 1.83 11.75 15.34
CA ASP A 218 2.65 12.88 14.91
C ASP A 218 3.26 12.63 13.52
N ASP A 219 3.33 11.37 13.11
CA ASP A 219 3.84 11.04 11.79
C ASP A 219 2.97 11.57 10.64
N LEU A 220 1.68 11.83 10.90
CA LEU A 220 0.83 12.40 9.84
C LEU A 220 1.32 13.80 9.46
N LYS A 221 1.44 14.68 10.44
CA LYS A 221 1.94 16.01 10.13
C LYS A 221 3.36 15.98 9.61
N LEU A 222 4.18 15.09 10.15
CA LEU A 222 5.55 14.95 9.67
C LEU A 222 5.60 14.56 8.19
N VAL A 223 4.87 13.53 7.81
CA VAL A 223 4.80 13.13 6.41
C VAL A 223 4.24 14.26 5.54
N ASP A 224 3.22 14.97 6.05
CA ASP A 224 2.67 16.14 5.35
C ASP A 224 3.79 17.16 5.06
N GLU A 225 4.57 17.48 6.10
CA GLU A 225 5.67 18.45 5.96
C GLU A 225 6.75 17.98 4.99
N LEU A 226 7.20 16.73 5.14
CA LEU A 226 8.28 16.18 4.31
C LEU A 226 7.89 16.10 2.85
N SER A 227 6.60 15.82 2.61
CA SER A 227 6.14 15.53 1.26
C SER A 227 5.31 16.65 0.65
N HIS A 228 5.23 17.80 1.33
CA HIS A 228 4.37 18.89 0.90
C HIS A 228 2.96 18.37 0.61
N GLY A 229 2.50 17.47 1.46
CA GLY A 229 1.15 16.91 1.36
C GLY A 229 0.92 15.80 0.35
N LYS A 230 1.96 15.42 -0.38
CA LYS A 230 1.77 14.53 -1.53
C LYS A 230 1.84 13.03 -1.23
N VAL A 231 2.39 12.66 -0.07
CA VAL A 231 2.50 11.25 0.31
C VAL A 231 1.49 10.94 1.42
N ASP A 232 0.79 9.82 1.26
CA ASP A 232 -0.16 9.35 2.28
C ASP A 232 0.53 8.36 3.20
N LEU A 233 -0.07 8.13 4.38
CA LEU A 233 0.58 7.33 5.41
C LEU A 233 -0.31 6.24 5.97
N THR A 234 0.17 4.99 5.89
CA THR A 234 -0.52 3.87 6.47
C THR A 234 -0.26 3.77 7.96
N PHE A 235 -1.30 3.40 8.72
CA PHE A 235 -1.10 2.91 10.09
C PHE A 235 -1.76 1.54 10.14
N GLY A 236 -1.06 0.61 10.77
CA GLY A 236 -1.56 -0.74 10.92
C GLY A 236 -1.50 -1.20 12.36
N SER A 237 -0.52 -2.06 12.64
CA SER A 237 -0.44 -2.77 13.92
C SER A 237 -0.34 -1.85 15.15
N SER A 238 0.17 -0.64 14.97
CA SER A 238 0.30 0.31 16.06
C SER A 238 -1.04 0.88 16.55
N LEU A 239 -2.08 0.70 15.76
CA LEU A 239 -3.39 1.22 16.10
C LEU A 239 -4.08 0.48 17.24
N ASP A 240 -4.77 1.25 18.07
CA ASP A 240 -5.63 0.68 19.10
C ASP A 240 -6.60 -0.39 18.58
N ILE A 241 -7.20 -0.15 17.41
CA ILE A 241 -8.18 -1.09 16.87
C ILE A 241 -7.57 -2.46 16.52
N PHE A 242 -6.25 -2.54 16.42
CA PHE A 242 -5.55 -3.81 16.21
C PHE A 242 -4.79 -4.28 17.45
N GLY A 243 -5.08 -3.66 18.59
CA GLY A 243 -4.45 -4.05 19.85
C GLY A 243 -3.12 -3.39 20.13
N GLY A 244 -2.71 -2.46 19.26
CA GLY A 244 -1.56 -1.63 19.53
C GLY A 244 -1.95 -0.61 20.58
N ASN A 245 -0.97 -0.06 21.29
CA ASN A 245 -1.30 0.93 22.31
C ASN A 245 -0.68 2.27 22.01
N LEU A 246 -0.33 2.48 20.74
CA LEU A 246 0.52 3.60 20.37
C LEU A 246 -0.19 4.72 19.63
N VAL A 247 -1.17 4.38 18.78
CA VAL A 247 -1.87 5.36 17.95
C VAL A 247 -3.36 5.10 18.04
N LYS A 248 -4.14 6.17 18.20
CA LYS A 248 -5.61 6.06 18.19
C LYS A 248 -6.16 6.20 16.77
N PHE A 249 -6.92 5.19 16.35
CA PHE A 249 -7.63 5.23 15.07
C PHE A 249 -8.46 6.51 14.92
N GLU A 250 -9.17 6.92 15.98
CA GLU A 250 -9.98 8.12 15.84
C GLU A 250 -9.15 9.39 15.58
N ASP A 251 -7.95 9.46 16.15
CA ASP A 251 -7.05 10.61 15.89
C ASP A 251 -6.64 10.64 14.41
N CYS A 252 -6.41 9.47 13.83
CA CYS A 252 -6.04 9.38 12.43
C CYS A 252 -7.22 9.80 11.52
N CYS A 253 -8.44 9.39 11.89
CA CYS A 253 -9.64 9.82 11.15
C CYS A 253 -9.84 11.33 11.25
N ARG A 254 -9.61 11.89 12.44
CA ARG A 254 -9.75 13.34 12.61
C ARG A 254 -8.76 14.14 11.77
N TRP A 255 -7.53 13.62 11.65
CA TRP A 255 -6.56 14.21 10.75
C TRP A 255 -7.14 14.28 9.34
N ASN A 256 -7.69 13.17 8.85
CA ASN A 256 -8.28 13.12 7.52
C ASN A 256 -9.41 14.13 7.34
N GLU A 257 -10.25 14.22 8.36
CA GLU A 257 -11.41 15.12 8.35
C GLU A 257 -11.01 16.59 8.30
N LYS A 258 -9.81 16.90 8.82
CA LYS A 258 -9.28 18.27 8.78
C LYS A 258 -8.65 18.64 7.43
N GLN A 259 -8.31 17.64 6.62
CA GLN A 259 -7.65 17.88 5.34
C GLN A 259 -8.63 18.31 4.25
N GLY A 260 -9.82 17.73 4.26
CA GLY A 260 -10.82 17.98 3.23
C GLY A 260 -10.46 17.31 1.92
#